data_1VQ3
#
_entry.id   1VQ3
#
_cell.length_a   58.270
_cell.length_b   73.433
_cell.length_c   92.567
_cell.angle_alpha   90.00
_cell.angle_beta   90.00
_cell.angle_gamma   90.00
#
_symmetry.space_group_name_H-M   'P 21 21 21'
#
loop_
_entity.id
_entity.type
_entity.pdbx_description
1 polymer 'Phosphoribosylformylglycinamidine synthase, purS subunit'
2 water water
#
_entity_poly.entity_id   1
_entity_poly.type   'polypeptide(L)'
_entity_poly.pdbx_seq_one_letter_code
;MGSDKIHHHHHHLPLFKFAIDVQYRSNVRDPRGETIERVLREEKGLPVKKLRLGKSIHLEVEAENKEKAYEIVKKACEEL
LVNPVVEEYEVREL
;
_entity_poly.pdbx_strand_id   A,B,C,D
#
# COMPACT_ATOMS: atom_id res chain seq x y z
N HIS A 9 7.56 -42.83 4.37
CA HIS A 9 7.48 -43.38 3.00
C HIS A 9 8.39 -42.63 2.04
N HIS A 10 9.26 -41.74 2.57
CA HIS A 10 10.08 -40.83 1.77
C HIS A 10 9.33 -39.98 0.81
N HIS A 11 8.17 -39.56 1.28
CA HIS A 11 7.26 -38.76 0.49
C HIS A 11 7.69 -37.28 0.52
N HIS A 12 7.83 -36.65 -0.65
CA HIS A 12 8.32 -35.26 -0.71
C HIS A 12 7.31 -34.31 -0.05
N LEU A 13 7.80 -33.45 0.84
CA LEU A 13 6.97 -32.42 1.45
C LEU A 13 7.51 -31.04 1.04
N PRO A 14 6.78 -30.28 0.24
CA PRO A 14 7.34 -29.04 -0.26
C PRO A 14 7.57 -28.02 0.85
N LEU A 15 8.52 -27.11 0.61
CA LEU A 15 8.70 -25.96 1.48
C LEU A 15 8.06 -24.76 0.76
N PHE A 16 7.52 -23.87 1.56
CA PHE A 16 6.84 -22.69 1.09
C PHE A 16 7.43 -21.58 1.91
N LYS A 17 7.89 -20.53 1.23
CA LYS A 17 8.58 -19.41 1.87
C LYS A 17 7.60 -18.26 2.03
N PHE A 18 7.61 -17.61 3.22
CA PHE A 18 6.75 -16.51 3.47
C PHE A 18 7.50 -15.41 4.23
N ALA A 19 6.93 -14.20 4.15
CA ALA A 19 7.37 -13.07 4.96
C ALA A 19 6.16 -12.62 5.73
N ILE A 20 6.38 -12.35 7.00
CA ILE A 20 5.34 -11.78 7.89
C ILE A 20 5.79 -10.38 8.22
N ASP A 21 4.93 -9.42 7.95
CA ASP A 21 5.17 -8.03 8.25
C ASP A 21 4.29 -7.61 9.44
N VAL A 22 4.94 -7.44 10.58
CA VAL A 22 4.31 -7.20 11.85
C VAL A 22 4.48 -5.74 12.19
N GLN A 23 3.37 -5.07 12.50
CA GLN A 23 3.35 -3.64 12.79
C GLN A 23 2.45 -3.38 13.99
N TYR A 24 2.73 -2.30 14.73
CA TYR A 24 1.82 -1.85 15.77
C TYR A 24 0.59 -1.29 15.14
N ARG A 25 -0.55 -1.55 15.77
CA ARG A 25 -1.79 -0.98 15.33
C ARG A 25 -1.69 0.54 15.44
N SER A 26 -2.51 1.23 14.65
CA SER A 26 -2.44 2.70 14.48
C SER A 26 -2.74 3.49 15.76
N ASN A 27 -3.44 2.86 16.70
CA ASN A 27 -3.74 3.52 17.96
C ASN A 27 -2.64 3.31 19.01
N VAL A 28 -1.56 2.64 18.60
CA VAL A 28 -0.46 2.34 19.49
C VAL A 28 0.69 3.27 19.12
N ARG A 29 1.24 3.95 20.12
CA ARG A 29 2.38 4.86 19.95
C ARG A 29 3.69 4.09 19.90
N ASP A 30 4.57 4.54 19.01
CA ASP A 30 5.74 3.82 18.54
C ASP A 30 6.87 4.85 18.71
N PRO A 31 7.33 5.08 19.94
CA PRO A 31 8.47 6.00 20.17
C PRO A 31 9.70 5.69 19.34
N ARG A 32 9.98 4.42 19.12
CA ARG A 32 11.13 4.06 18.29
C ARG A 32 10.95 4.55 16.84
N GLY A 33 9.81 4.26 16.24
CA GLY A 33 9.50 4.73 14.91
C GLY A 33 9.54 6.26 14.85
N GLU A 34 8.98 6.90 15.87
CA GLU A 34 8.93 8.36 15.90
C GLU A 34 10.36 8.91 15.88
N THR A 35 11.22 8.29 16.68
CA THR A 35 12.60 8.69 16.73
C THR A 35 13.25 8.56 15.37
N ILE A 36 13.09 7.39 14.76
CA ILE A 36 13.73 7.16 13.45
C ILE A 36 13.23 8.16 12.40
N GLU A 37 11.93 8.47 12.42
CA GLU A 37 11.39 9.44 11.46
C GLU A 37 11.97 10.84 11.67
N ARG A 38 12.10 11.23 12.94
CA ARG A 38 12.73 12.51 13.29
C ARG A 38 14.17 12.52 12.78
N VAL A 39 14.93 11.45 12.99
CA VAL A 39 16.31 11.44 12.52
C VAL A 39 16.37 11.54 11.00
N LEU A 40 15.50 10.82 10.28
CA LEU A 40 15.56 10.88 8.82
C LEU A 40 15.18 12.28 8.31
N ARG A 41 14.18 12.90 8.94
CA ARG A 41 13.71 14.22 8.52
C ARG A 41 14.67 15.33 8.95
N GLU A 42 14.94 15.36 10.23
CA GLU A 42 15.68 16.48 10.85
C GLU A 42 17.20 16.33 10.77
N GLU A 43 17.72 15.11 10.87
CA GLU A 43 19.16 14.93 10.81
C GLU A 43 19.70 14.58 9.43
N LYS A 44 18.92 13.86 8.61
CA LYS A 44 19.38 13.49 7.25
C LYS A 44 18.75 14.29 6.10
N GLY A 45 17.78 15.14 6.44
CA GLY A 45 17.19 16.02 5.48
C GLY A 45 16.32 15.31 4.48
N LEU A 46 15.73 14.18 4.85
CA LEU A 46 14.94 13.43 3.87
C LEU A 46 13.43 13.71 3.99
N PRO A 47 12.74 13.89 2.88
CA PRO A 47 11.30 14.17 2.89
C PRO A 47 10.43 12.89 3.19
N VAL A 48 10.58 12.32 4.39
CA VAL A 48 9.90 11.09 4.81
C VAL A 48 8.82 11.34 5.85
N LYS A 49 7.73 10.56 5.77
CA LYS A 49 6.58 10.68 6.69
C LYS A 49 6.03 9.32 7.03
N LYS A 50 5.23 9.37 8.09
CA LYS A 50 4.40 8.27 8.55
C LYS A 50 5.21 7.00 8.67
N LEU A 51 6.36 7.11 9.31
CA LEU A 51 7.25 5.98 9.41
C LEU A 51 6.70 5.03 10.47
N ARG A 52 6.67 3.73 10.14
CA ARG A 52 6.36 2.72 11.12
C ARG A 52 7.37 1.62 11.10
N LEU A 53 7.90 1.32 12.27
CA LEU A 53 8.91 0.32 12.44
C LEU A 53 8.24 -0.90 13.09
N GLY A 54 8.38 -2.03 12.42
CA GLY A 54 7.87 -3.29 12.92
C GLY A 54 8.84 -4.41 12.61
N LYS A 55 8.33 -5.65 12.61
CA LYS A 55 9.19 -6.83 12.47
C LYS A 55 8.95 -7.38 11.07
N SER A 56 10.00 -7.90 10.47
CA SER A 56 9.85 -8.68 9.27
C SER A 56 10.37 -10.08 9.51
N ILE A 57 9.48 -11.09 9.53
CA ILE A 57 9.90 -12.44 9.86
C ILE A 57 9.83 -13.23 8.56
N HIS A 58 10.95 -13.78 8.15
CA HIS A 58 11.00 -14.70 7.02
C HIS A 58 11.06 -16.11 7.54
N LEU A 59 10.29 -17.02 6.90
CA LEU A 59 10.29 -18.37 7.35
C LEU A 59 9.87 -19.32 6.23
N GLU A 60 10.25 -20.58 6.38
CA GLU A 60 9.85 -21.63 5.47
C GLU A 60 8.99 -22.60 6.23
N VAL A 61 8.01 -23.17 5.54
CA VAL A 61 7.03 -24.04 6.17
C VAL A 61 6.91 -25.27 5.27
N GLU A 62 7.13 -26.43 5.89
CA GLU A 62 7.06 -27.75 5.22
C GLU A 62 5.63 -28.24 5.34
N ALA A 63 4.90 -28.37 4.25
CA ALA A 63 3.51 -28.83 4.31
C ALA A 63 3.12 -29.40 2.97
N GLU A 64 1.98 -30.09 2.92
CA GLU A 64 1.56 -30.82 1.72
C GLU A 64 1.21 -29.86 0.58
N ASN A 65 0.68 -28.69 0.93
CA ASN A 65 0.30 -27.70 -0.08
C ASN A 65 0.36 -26.32 0.50
N LYS A 66 0.27 -25.30 -0.35
CA LYS A 66 0.50 -23.94 0.12
C LYS A 66 -0.56 -23.45 1.10
N GLU A 67 -1.78 -23.88 0.89
CA GLU A 67 -2.88 -23.48 1.76
C GLU A 67 -2.66 -23.97 3.17
N LYS A 68 -2.27 -25.24 3.32
CA LYS A 68 -1.91 -25.78 4.63
C LYS A 68 -0.70 -25.02 5.23
N ALA A 69 0.30 -24.76 4.41
CA ALA A 69 1.43 -23.93 4.84
C ALA A 69 0.97 -22.57 5.39
N TYR A 70 0.02 -21.95 4.71
CA TYR A 70 -0.43 -20.61 5.10
C TYR A 70 -1.13 -20.68 6.44
N GLU A 71 -1.84 -21.79 6.68
CA GLU A 71 -2.56 -21.98 7.93
C GLU A 71 -1.56 -22.05 9.07
N ILE A 72 -0.46 -22.76 8.81
CA ILE A 72 0.65 -22.89 9.79
C ILE A 72 1.27 -21.52 10.12
N VAL A 73 1.53 -20.72 9.09
CA VAL A 73 2.02 -19.36 9.33
C VAL A 73 1.08 -18.60 10.28
N LYS A 74 -0.21 -18.66 10.02
CA LYS A 74 -1.15 -17.90 10.83
C LYS A 74 -1.15 -18.43 12.28
N LYS A 75 -1.08 -19.73 12.40
CA LYS A 75 -0.96 -20.35 13.71
C LYS A 75 0.32 -19.89 14.43
N ALA A 76 1.46 -19.83 13.72
CA ALA A 76 2.69 -19.27 14.29
C ALA A 76 2.54 -17.82 14.78
N CYS A 77 1.81 -17.02 14.02
CA CYS A 77 1.48 -15.64 14.43
C CYS A 77 0.62 -15.59 15.70
N GLU A 78 -0.42 -16.40 15.73
CA GLU A 78 -1.34 -16.49 16.88
C GLU A 78 -0.63 -16.99 18.11
N GLU A 79 0.21 -17.99 17.93
CA GLU A 79 0.84 -18.63 19.07
C GLU A 79 2.05 -17.91 19.57
N LEU A 80 2.67 -17.05 18.77
CA LEU A 80 3.93 -16.48 19.23
C LEU A 80 4.38 -15.19 18.53
N LEU A 81 4.23 -15.11 17.21
CA LEU A 81 4.95 -14.08 16.49
C LEU A 81 4.30 -12.70 16.53
N VAL A 82 3.01 -12.64 16.81
CA VAL A 82 2.25 -11.41 16.78
C VAL A 82 1.50 -11.25 18.09
N ASN A 83 1.68 -10.10 18.70
CA ASN A 83 0.95 -9.69 19.90
C ASN A 83 -0.45 -9.23 19.53
N PRO A 84 -1.44 -9.96 20.01
CA PRO A 84 -2.79 -9.72 19.60
C PRO A 84 -3.38 -8.44 20.11
N VAL A 85 -2.82 -7.85 21.15
CA VAL A 85 -3.42 -6.64 21.70
C VAL A 85 -2.91 -5.41 20.98
N VAL A 86 -1.62 -5.38 20.68
CA VAL A 86 -1.03 -4.17 20.14
C VAL A 86 -0.52 -4.23 18.70
N GLU A 87 -0.47 -5.44 18.11
CA GLU A 87 0.08 -5.66 16.72
C GLU A 87 -0.94 -6.18 15.70
N GLU A 88 -0.61 -5.96 14.43
CA GLU A 88 -1.37 -6.49 13.29
C GLU A 88 -0.31 -7.07 12.37
N TYR A 89 -0.74 -7.85 11.40
CA TYR A 89 0.22 -8.49 10.52
C TYR A 89 -0.29 -8.77 9.11
N GLU A 90 0.64 -8.77 8.14
CA GLU A 90 0.37 -9.15 6.79
C GLU A 90 1.31 -10.25 6.41
N VAL A 91 0.82 -11.21 5.64
CA VAL A 91 1.67 -12.34 5.20
C VAL A 91 1.75 -12.26 3.67
N ARG A 92 2.95 -12.48 3.16
CA ARG A 92 3.12 -12.65 1.70
C ARG A 92 4.08 -13.77 1.40
N GLU A 93 3.94 -14.33 0.23
CA GLU A 93 4.81 -15.38 -0.24
C GLU A 93 6.09 -14.80 -0.68
N LEU A 94 7.16 -15.53 -0.48
CA LEU A 94 8.47 -15.09 -0.99
C LEU A 94 8.97 -16.04 -2.05
N HIS B 11 5.38 23.94 -4.63
CA HIS B 11 5.16 22.65 -5.38
C HIS B 11 4.62 21.56 -4.48
N HIS B 12 3.42 21.06 -4.81
CA HIS B 12 2.79 19.98 -4.08
C HIS B 12 3.22 18.73 -4.83
N LEU B 13 4.08 17.94 -4.20
CA LEU B 13 4.63 16.76 -4.83
C LEU B 13 3.77 15.50 -4.57
N PRO B 14 3.80 14.57 -5.50
CA PRO B 14 3.11 13.29 -5.30
C PRO B 14 3.79 12.47 -4.18
N LEU B 15 2.98 11.65 -3.55
CA LEU B 15 3.39 10.80 -2.47
C LEU B 15 3.72 9.42 -3.01
N PHE B 16 4.74 8.82 -2.42
CA PHE B 16 5.21 7.47 -2.77
C PHE B 16 5.31 6.64 -1.50
N LYS B 17 4.58 5.54 -1.44
CA LYS B 17 4.54 4.73 -0.25
C LYS B 17 5.35 3.42 -0.42
N PHE B 18 6.09 3.09 0.63
CA PHE B 18 7.01 1.93 0.57
C PHE B 18 7.01 1.08 1.84
N ALA B 19 7.37 -0.19 1.66
CA ALA B 19 7.77 -1.06 2.77
C ALA B 19 9.15 -1.57 2.48
N ILE B 20 10.03 -1.36 3.45
CA ILE B 20 11.40 -1.83 3.43
C ILE B 20 11.53 -3.03 4.30
N ASP B 21 12.09 -4.11 3.75
CA ASP B 21 12.36 -5.36 4.45
C ASP B 21 13.85 -5.52 4.69
N VAL B 22 14.30 -5.32 5.92
CA VAL B 22 15.73 -5.38 6.27
C VAL B 22 15.98 -6.73 6.92
N GLN B 23 16.94 -7.49 6.39
CA GLN B 23 17.29 -8.81 6.90
C GLN B 23 18.81 -8.93 7.01
N TYR B 24 19.25 -9.80 7.91
CA TYR B 24 20.66 -10.20 7.92
C TYR B 24 20.96 -10.91 6.64
N ARG B 25 22.18 -10.68 6.14
CA ARG B 25 22.73 -11.44 5.04
C ARG B 25 22.81 -12.91 5.39
N SER B 26 22.62 -13.72 4.36
CA SER B 26 22.56 -15.19 4.48
C SER B 26 23.74 -15.81 5.25
N ASN B 27 24.87 -15.14 5.26
CA ASN B 27 26.05 -15.63 5.96
C ASN B 27 26.23 -14.99 7.33
N VAL B 28 25.22 -14.27 7.80
CA VAL B 28 25.24 -13.80 9.17
C VAL B 28 24.29 -14.74 9.92
N ARG B 29 24.73 -15.21 11.06
CA ARG B 29 23.88 -16.05 11.90
C ARG B 29 22.81 -15.18 12.57
N ASP B 30 21.64 -15.77 12.81
CA ASP B 30 20.54 -15.05 13.46
C ASP B 30 20.08 -15.89 14.65
N PRO B 31 20.77 -15.78 15.79
CA PRO B 31 20.40 -16.52 16.98
C PRO B 31 19.00 -16.26 17.50
N ARG B 32 18.52 -15.03 17.37
CA ARG B 32 17.13 -14.71 17.75
C ARG B 32 16.16 -15.49 16.88
N GLY B 33 16.39 -15.49 15.57
CA GLY B 33 15.63 -16.33 14.67
C GLY B 33 15.64 -17.78 15.07
N GLU B 34 16.83 -18.29 15.34
CA GLU B 34 16.98 -19.70 15.75
C GLU B 34 16.19 -20.05 17.03
N THR B 35 16.18 -19.17 18.00
CA THR B 35 15.44 -19.39 19.22
C THR B 35 13.94 -19.42 18.98
N ILE B 36 13.49 -18.50 18.13
CA ILE B 36 12.06 -18.43 17.81
C ILE B 36 11.63 -19.71 17.10
N GLU B 37 12.44 -20.13 16.14
CA GLU B 37 12.22 -21.37 15.42
C GLU B 37 12.15 -22.58 16.35
N ARG B 38 13.07 -22.66 17.30
CA ARG B 38 13.03 -23.73 18.32
C ARG B 38 11.71 -23.76 19.10
N VAL B 39 11.26 -22.61 19.57
CA VAL B 39 10.00 -22.56 20.27
C VAL B 39 8.83 -23.01 19.41
N LEU B 40 8.74 -22.48 18.18
CA LEU B 40 7.68 -22.84 17.26
C LEU B 40 7.65 -24.32 16.92
N ARG B 41 8.83 -24.92 16.73
CA ARG B 41 8.87 -26.35 16.40
C ARG B 41 8.68 -27.22 17.62
N GLU B 42 9.49 -27.01 18.64
CA GLU B 42 9.51 -27.91 19.79
C GLU B 42 8.35 -27.76 20.73
N GLU B 43 7.92 -26.52 20.98
CA GLU B 43 6.79 -26.32 21.84
C GLU B 43 5.51 -26.21 21.06
N LYS B 44 5.50 -25.44 19.97
CA LYS B 44 4.23 -25.20 19.34
C LYS B 44 3.89 -26.29 18.32
N GLY B 45 4.88 -27.11 17.97
CA GLY B 45 4.65 -28.25 17.06
C GLY B 45 4.49 -27.87 15.59
N LEU B 46 4.99 -26.72 15.22
CA LEU B 46 4.78 -26.21 13.86
C LEU B 46 5.99 -26.52 13.00
N PRO B 47 5.76 -27.04 11.78
CA PRO B 47 6.87 -27.44 10.91
C PRO B 47 7.53 -26.25 10.15
N VAL B 48 8.15 -25.37 10.92
CA VAL B 48 8.77 -24.16 10.40
C VAL B 48 10.28 -24.32 10.36
N LYS B 49 10.93 -23.76 9.35
CA LYS B 49 12.39 -23.78 9.28
C LYS B 49 12.91 -22.42 8.78
N LYS B 50 14.21 -22.26 8.88
CA LYS B 50 14.90 -21.07 8.36
C LYS B 50 14.22 -19.77 8.78
N LEU B 51 13.90 -19.66 10.06
CA LEU B 51 13.23 -18.45 10.52
C LEU B 51 14.23 -17.30 10.68
N ARG B 52 13.93 -16.14 10.10
CA ARG B 52 14.84 -15.00 10.22
C ARG B 52 14.08 -13.79 10.69
N LEU B 53 14.60 -13.16 11.75
CA LEU B 53 13.97 -11.98 12.29
C LEU B 53 14.69 -10.77 11.76
N GLY B 54 13.95 -9.99 10.98
CA GLY B 54 14.40 -8.71 10.50
C GLY B 54 13.48 -7.56 10.82
N LYS B 55 13.63 -6.49 10.06
CA LYS B 55 12.92 -5.26 10.33
C LYS B 55 12.03 -4.95 9.16
N SER B 56 10.83 -4.47 9.48
CA SER B 56 9.95 -3.88 8.49
C SER B 56 9.70 -2.39 8.76
N ILE B 57 10.05 -1.56 7.80
CA ILE B 57 9.86 -0.12 7.90
C ILE B 57 8.90 0.30 6.77
N HIS B 58 7.72 0.74 7.15
CA HIS B 58 6.78 1.40 6.23
C HIS B 58 7.02 2.90 6.34
N LEU B 59 7.08 3.55 5.19
CA LEU B 59 7.23 4.99 5.16
C LEU B 59 6.74 5.52 3.83
N GLU B 60 6.39 6.79 3.84
CA GLU B 60 5.88 7.53 2.67
C GLU B 60 6.86 8.71 2.43
N VAL B 61 7.10 8.97 1.16
CA VAL B 61 8.00 10.02 0.73
C VAL B 61 7.27 10.96 -0.27
N GLU B 62 7.52 12.26 -0.16
CA GLU B 62 7.17 13.17 -1.25
C GLU B 62 8.37 13.42 -2.18
N ALA B 63 8.14 13.34 -3.49
CA ALA B 63 9.23 13.47 -4.42
C ALA B 63 8.70 13.86 -5.81
N GLU B 64 9.62 14.24 -6.70
CA GLU B 64 9.27 14.77 -8.01
C GLU B 64 8.83 13.67 -8.97
N ASN B 65 9.33 12.45 -8.75
CA ASN B 65 8.97 11.31 -9.58
C ASN B 65 9.38 10.02 -8.87
N LYS B 66 9.13 8.88 -9.48
CA LYS B 66 9.36 7.60 -8.83
C LYS B 66 10.87 7.27 -8.68
N GLU B 67 11.67 7.74 -9.61
CA GLU B 67 13.14 7.52 -9.49
C GLU B 67 13.76 8.26 -8.32
N LYS B 68 13.40 9.54 -8.15
CA LYS B 68 13.82 10.34 -7.01
C LYS B 68 13.27 9.71 -5.71
N ALA B 69 12.05 9.17 -5.74
CA ALA B 69 11.53 8.61 -4.51
C ALA B 69 12.35 7.41 -4.05
N TYR B 70 12.68 6.52 -4.98
CA TYR B 70 13.57 5.38 -4.76
C TYR B 70 14.95 5.80 -4.24
N GLU B 71 15.43 6.95 -4.72
CA GLU B 71 16.69 7.53 -4.27
C GLU B 71 16.62 7.93 -2.82
N ILE B 72 15.49 8.51 -2.43
CA ILE B 72 15.23 8.85 -1.02
C ILE B 72 15.20 7.62 -0.12
N VAL B 73 14.50 6.58 -0.57
CA VAL B 73 14.53 5.31 0.14
C VAL B 73 15.93 4.76 0.24
N LYS B 74 16.69 4.77 -0.83
CA LYS B 74 18.09 4.25 -0.78
C LYS B 74 18.94 5.05 0.22
N LYS B 75 18.82 6.36 0.18
CA LYS B 75 19.51 7.21 1.16
C LYS B 75 19.14 6.88 2.59
N ALA B 76 17.82 6.71 2.87
CA ALA B 76 17.37 6.35 4.20
C ALA B 76 17.96 5.05 4.69
N CYS B 77 18.05 4.06 3.78
CA CYS B 77 18.73 2.82 4.06
C CYS B 77 20.20 3.03 4.32
N GLU B 78 20.91 3.63 3.36
CA GLU B 78 22.34 3.83 3.48
C GLU B 78 22.74 4.76 4.66
N GLU B 79 21.95 5.77 4.98
CA GLU B 79 22.33 6.66 6.05
C GLU B 79 21.86 6.26 7.44
N LEU B 80 20.93 5.31 7.54
CA LEU B 80 20.37 4.98 8.87
C LEU B 80 19.82 3.60 9.05
N LEU B 81 18.98 3.16 8.12
CA LEU B 81 18.12 2.00 8.40
C LEU B 81 18.78 0.66 8.23
N VAL B 82 19.81 0.58 7.39
CA VAL B 82 20.44 -0.70 7.03
C VAL B 82 21.94 -0.63 7.37
N ASN B 83 22.44 -1.60 8.11
CA ASN B 83 23.89 -1.73 8.39
C ASN B 83 24.51 -2.56 7.26
N PRO B 84 25.32 -1.96 6.37
CA PRO B 84 25.69 -2.66 5.14
C PRO B 84 26.59 -3.85 5.41
N VAL B 85 27.21 -3.88 6.58
CA VAL B 85 28.13 -4.95 6.88
C VAL B 85 27.39 -6.26 7.13
N VAL B 86 26.21 -6.21 7.74
CA VAL B 86 25.49 -7.40 8.15
C VAL B 86 24.07 -7.52 7.60
N GLU B 87 23.55 -6.46 6.99
CA GLU B 87 22.19 -6.48 6.46
C GLU B 87 22.07 -6.19 4.97
N GLU B 88 20.93 -6.60 4.43
CA GLU B 88 20.54 -6.25 3.08
C GLU B 88 19.04 -5.89 3.14
N TYR B 89 18.53 -5.23 2.12
CA TYR B 89 17.12 -4.89 2.14
C TYR B 89 16.43 -5.15 0.79
N GLU B 90 15.12 -5.34 0.86
CA GLU B 90 14.25 -5.30 -0.31
C GLU B 90 13.25 -4.23 -0.06
N VAL B 91 12.83 -3.58 -1.14
CA VAL B 91 11.78 -2.56 -1.12
C VAL B 91 10.56 -3.07 -1.92
N ARG B 92 9.39 -2.76 -1.41
CA ARG B 92 8.16 -2.99 -2.12
C ARG B 92 7.28 -1.77 -2.00
N GLU B 93 6.47 -1.57 -3.04
CA GLU B 93 5.51 -0.47 -3.06
C GLU B 93 4.23 -0.86 -2.34
N LEU B 94 3.70 0.09 -1.57
CA LEU B 94 2.39 -0.02 -0.97
C LEU B 94 1.46 1.06 -1.58
N HIS C 8 2.35 18.88 -36.24
CA HIS C 8 3.36 19.47 -37.18
C HIS C 8 3.94 18.36 -38.03
N HIS C 9 3.94 18.56 -39.36
CA HIS C 9 4.53 17.63 -40.35
C HIS C 9 4.02 16.21 -40.20
N HIS C 10 2.76 16.08 -39.80
CA HIS C 10 2.06 14.81 -39.53
C HIS C 10 2.86 13.86 -38.60
N HIS C 11 3.63 14.44 -37.69
CA HIS C 11 4.41 13.66 -36.72
C HIS C 11 3.50 13.06 -35.66
N HIS C 12 3.81 11.87 -35.21
CA HIS C 12 2.99 11.25 -34.20
C HIS C 12 3.21 11.91 -32.85
N LEU C 13 2.13 12.19 -32.12
CA LEU C 13 2.24 12.70 -30.73
C LEU C 13 1.53 11.71 -29.79
N PRO C 14 2.28 10.97 -28.97
CA PRO C 14 1.71 9.96 -28.10
C PRO C 14 0.83 10.52 -26.98
N LEU C 15 -0.05 9.63 -26.51
CA LEU C 15 -0.99 9.87 -25.43
C LEU C 15 -0.62 8.97 -24.27
N PHE C 16 -0.64 9.49 -23.05
CA PHE C 16 -0.24 8.73 -21.87
C PHE C 16 -1.36 8.82 -20.83
N LYS C 17 -1.81 7.67 -20.33
CA LYS C 17 -2.98 7.64 -19.45
C LYS C 17 -2.55 7.48 -18.00
N PHE C 18 -3.17 8.25 -17.13
CA PHE C 18 -2.83 8.19 -15.70
C PHE C 18 -4.09 8.12 -14.84
N ALA C 19 -3.89 7.58 -13.62
CA ALA C 19 -4.82 7.75 -12.55
C ALA C 19 -4.17 8.55 -11.43
N ILE C 20 -4.98 9.42 -10.85
CA ILE C 20 -4.57 10.24 -9.70
C ILE C 20 -5.52 9.89 -8.55
N ASP C 21 -4.94 9.38 -7.46
CA ASP C 21 -5.64 9.05 -6.22
C ASP C 21 -5.44 10.16 -5.17
N VAL C 22 -6.48 10.97 -5.01
CA VAL C 22 -6.47 12.16 -4.18
C VAL C 22 -7.20 11.80 -2.90
N GLN C 23 -6.51 11.92 -1.79
CA GLN C 23 -7.06 11.51 -0.52
C GLN C 23 -6.89 12.64 0.47
N TYR C 24 -7.82 12.75 1.39
CA TYR C 24 -7.66 13.67 2.49
C TYR C 24 -6.49 13.23 3.37
N ARG C 25 -5.73 14.22 3.83
CA ARG C 25 -4.65 13.91 4.73
C ARG C 25 -5.24 13.33 6.03
N SER C 26 -4.40 12.63 6.77
CA SER C 26 -4.86 11.86 7.92
C SER C 26 -5.41 12.75 9.05
N ASN C 27 -4.97 14.00 9.09
CA ASN C 27 -5.47 14.90 10.14
C ASN C 27 -6.77 15.62 9.73
N VAL C 28 -7.30 15.26 8.56
CA VAL C 28 -8.62 15.77 8.09
C VAL C 28 -9.70 14.72 8.34
N ARG C 29 -10.76 15.08 9.02
CA ARG C 29 -11.87 14.14 9.25
C ARG C 29 -12.59 13.80 7.95
N ASP C 30 -13.12 12.58 7.86
CA ASP C 30 -13.85 12.15 6.66
C ASP C 30 -15.21 11.56 7.08
N PRO C 31 -16.20 12.41 7.40
CA PRO C 31 -17.46 11.86 7.92
C PRO C 31 -18.23 11.01 6.88
N ARG C 32 -18.08 11.33 5.59
CA ARG C 32 -18.68 10.49 4.54
C ARG C 32 -18.14 9.04 4.59
N GLY C 33 -16.83 8.88 4.64
CA GLY C 33 -16.19 7.56 4.85
C GLY C 33 -16.66 6.81 6.07
N GLU C 34 -16.76 7.53 7.18
CA GLU C 34 -17.26 6.94 8.41
C GLU C 34 -18.66 6.42 8.23
N THR C 35 -19.52 7.18 7.57
CA THR C 35 -20.88 6.71 7.32
C THR C 35 -20.84 5.43 6.50
N ILE C 36 -20.06 5.44 5.41
CA ILE C 36 -19.95 4.25 4.55
C ILE C 36 -19.41 3.06 5.32
N GLU C 37 -18.33 3.25 6.07
CA GLU C 37 -17.79 2.16 6.88
C GLU C 37 -18.87 1.53 7.81
N ARG C 38 -19.68 2.39 8.42
CA ARG C 38 -20.67 1.96 9.40
C ARG C 38 -21.79 1.15 8.73
N VAL C 39 -22.20 1.55 7.52
CA VAL C 39 -23.14 0.76 6.72
C VAL C 39 -22.55 -0.60 6.37
N LEU C 40 -21.30 -0.62 5.90
CA LEU C 40 -20.72 -1.90 5.56
C LEU C 40 -20.66 -2.84 6.76
N ARG C 41 -20.21 -2.31 7.88
CA ARG C 41 -20.01 -3.14 9.05
C ARG C 41 -21.32 -3.54 9.69
N GLU C 42 -22.14 -2.56 10.01
CA GLU C 42 -23.35 -2.75 10.80
C GLU C 42 -24.60 -3.14 10.01
N GLU C 43 -24.70 -2.76 8.74
CA GLU C 43 -25.84 -3.12 7.90
C GLU C 43 -25.52 -4.24 6.92
N LYS C 44 -24.30 -4.26 6.42
CA LYS C 44 -23.90 -5.30 5.48
C LYS C 44 -23.12 -6.46 6.13
N GLY C 45 -22.68 -6.32 7.39
CA GLY C 45 -21.92 -7.38 8.03
C GLY C 45 -20.54 -7.63 7.42
N LEU C 46 -19.92 -6.60 6.85
CA LEU C 46 -18.59 -6.75 6.29
C LEU C 46 -17.64 -6.08 7.23
N PRO C 47 -16.64 -6.82 7.70
CA PRO C 47 -15.69 -6.33 8.69
C PRO C 47 -14.59 -5.45 8.06
N VAL C 48 -14.98 -4.47 7.29
CA VAL C 48 -14.01 -3.53 6.74
C VAL C 48 -13.65 -2.52 7.82
N LYS C 49 -12.53 -1.85 7.65
CA LYS C 49 -12.13 -0.81 8.56
C LYS C 49 -11.21 0.17 7.88
N LYS C 50 -10.93 1.27 8.58
CA LYS C 50 -10.06 2.34 8.10
C LYS C 50 -10.50 2.80 6.74
N LEU C 51 -11.79 2.90 6.54
CA LEU C 51 -12.31 3.28 5.22
C LEU C 51 -12.05 4.77 4.99
N ARG C 52 -11.46 5.15 3.86
CA ARG C 52 -11.35 6.54 3.49
C ARG C 52 -11.82 6.73 2.06
N LEU C 53 -12.64 7.75 1.87
CA LEU C 53 -13.22 8.11 0.60
C LEU C 53 -12.47 9.32 0.03
N GLY C 54 -11.81 9.11 -1.10
CA GLY C 54 -11.17 10.16 -1.86
C GLY C 54 -11.70 10.12 -3.29
N LYS C 55 -10.90 10.75 -4.15
CA LYS C 55 -11.20 10.94 -5.55
C LYS C 55 -10.18 10.23 -6.41
N SER C 56 -10.68 9.68 -7.50
CA SER C 56 -9.85 9.01 -8.46
C SER C 56 -10.14 9.69 -9.80
N ILE C 57 -9.13 10.41 -10.27
CA ILE C 57 -9.23 11.16 -11.48
C ILE C 57 -8.42 10.37 -12.48
N HIS C 58 -9.08 9.96 -13.55
CA HIS C 58 -8.37 9.40 -14.72
C HIS C 58 -8.22 10.47 -15.80
N LEU C 59 -7.07 10.50 -16.49
CA LEU C 59 -6.89 11.46 -17.55
C LEU C 59 -5.83 11.01 -18.48
N GLU C 60 -5.82 11.64 -19.66
CA GLU C 60 -4.84 11.32 -20.68
C GLU C 60 -4.12 12.60 -20.99
N VAL C 61 -2.84 12.47 -21.32
CA VAL C 61 -1.99 13.61 -21.59
C VAL C 61 -1.28 13.38 -22.93
N GLU C 62 -1.34 14.37 -23.83
CA GLU C 62 -0.65 14.34 -25.13
C GLU C 62 0.69 14.96 -24.94
N ALA C 63 1.77 14.22 -25.22
CA ALA C 63 3.10 14.75 -25.03
C ALA C 63 4.15 13.96 -25.79
N GLU C 64 5.30 14.59 -25.97
CA GLU C 64 6.42 13.95 -26.70
C GLU C 64 6.90 12.68 -26.05
N ASN C 65 6.87 12.63 -24.72
CA ASN C 65 7.35 11.48 -23.99
C ASN C 65 6.62 11.38 -22.63
N LYS C 66 6.71 10.22 -21.99
CA LYS C 66 5.99 9.96 -20.75
C LYS C 66 6.41 10.88 -19.60
N GLU C 67 7.67 11.30 -19.63
CA GLU C 67 8.24 12.09 -18.55
C GLU C 67 7.64 13.46 -18.56
N LYS C 68 7.51 14.03 -19.76
CA LYS C 68 6.87 15.31 -19.91
C LYS C 68 5.37 15.18 -19.57
N ALA C 69 4.76 14.07 -19.93
CA ALA C 69 3.34 13.86 -19.61
C ALA C 69 3.12 13.83 -18.06
N TYR C 70 4.05 13.21 -17.37
CA TYR C 70 4.04 13.14 -15.92
C TYR C 70 4.19 14.49 -15.28
N GLU C 71 5.02 15.34 -15.87
CA GLU C 71 5.14 16.72 -15.39
C GLU C 71 3.83 17.49 -15.56
N ILE C 72 3.13 17.25 -16.65
CA ILE C 72 1.86 17.92 -16.89
C ILE C 72 0.82 17.47 -15.87
N VAL C 73 0.82 16.19 -15.55
CA VAL C 73 -0.10 15.65 -14.55
C VAL C 73 0.11 16.32 -13.20
N LYS C 74 1.35 16.39 -12.76
CA LYS C 74 1.67 17.10 -11.55
C LYS C 74 1.25 18.58 -11.62
N LYS C 75 1.47 19.26 -12.74
CA LYS C 75 0.98 20.64 -12.87
C LYS C 75 -0.53 20.74 -12.71
N ALA C 76 -1.26 19.79 -13.31
CA ALA C 76 -2.74 19.75 -13.17
C ALA C 76 -3.16 19.63 -11.71
N CYS C 77 -2.46 18.81 -10.96
CA CYS C 77 -2.78 18.62 -9.55
C CYS C 77 -2.50 19.89 -8.75
N GLU C 78 -1.34 20.47 -8.97
CA GLU C 78 -0.95 21.70 -8.28
C GLU C 78 -1.90 22.86 -8.60
N GLU C 79 -2.29 22.97 -9.88
CA GLU C 79 -3.03 24.16 -10.33
C GLU C 79 -4.48 24.04 -10.07
N LEU C 80 -4.98 22.82 -9.89
CA LEU C 80 -6.39 22.64 -9.78
C LEU C 80 -6.83 21.37 -9.05
N LEU C 81 -6.31 20.22 -9.40
CA LEU C 81 -6.99 18.96 -8.99
C LEU C 81 -6.86 18.65 -7.48
N VAL C 82 -5.76 19.08 -6.87
CA VAL C 82 -5.48 18.76 -5.47
C VAL C 82 -5.38 20.05 -4.62
N ASN C 83 -6.10 20.05 -3.50
CA ASN C 83 -5.98 21.12 -2.53
C ASN C 83 -4.82 20.74 -1.64
N PRO C 84 -3.72 21.50 -1.69
CA PRO C 84 -2.49 21.10 -1.01
C PRO C 84 -2.57 21.14 0.53
N VAL C 85 -3.54 21.87 1.05
CA VAL C 85 -3.73 21.98 2.49
C VAL C 85 -4.39 20.73 3.07
N VAL C 86 -5.42 20.21 2.40
CA VAL C 86 -6.18 19.10 2.95
C VAL C 86 -6.05 17.77 2.24
N GLU C 87 -5.34 17.74 1.10
CA GLU C 87 -5.24 16.52 0.28
C GLU C 87 -3.81 16.23 -0.02
N GLU C 88 -3.59 14.93 -0.28
CA GLU C 88 -2.35 14.42 -0.79
C GLU C 88 -2.74 13.54 -1.99
N TYR C 89 -1.76 13.16 -2.78
CA TYR C 89 -2.08 12.45 -4.02
C TYR C 89 -1.00 11.53 -4.51
N GLU C 90 -1.45 10.50 -5.24
CA GLU C 90 -0.59 9.54 -5.85
C GLU C 90 -0.98 9.41 -7.29
N VAL C 91 0.03 9.37 -8.16
CA VAL C 91 -0.13 9.19 -9.59
C VAL C 91 0.38 7.80 -10.02
N ARG C 92 -0.38 7.11 -10.82
CA ARG C 92 0.08 5.94 -11.46
C ARG C 92 -0.31 5.90 -12.92
N GLU C 93 0.51 5.24 -13.73
CA GLU C 93 0.20 5.02 -15.13
C GLU C 93 -0.96 4.05 -15.21
N LEU C 94 -1.82 4.25 -16.19
CA LEU C 94 -2.88 3.30 -16.48
C LEU C 94 -2.64 2.67 -17.85
N HIS D 11 -9.34 -15.77 17.29
CA HIS D 11 -8.34 -15.85 16.17
C HIS D 11 -7.86 -14.50 15.68
N HIS D 12 -6.53 -14.31 15.66
CA HIS D 12 -5.93 -13.10 15.05
C HIS D 12 -5.68 -13.32 13.54
N LEU D 13 -6.41 -12.58 12.74
CA LEU D 13 -6.39 -12.79 11.30
C LEU D 13 -5.43 -11.81 10.61
N PRO D 14 -4.85 -12.21 9.47
CA PRO D 14 -3.99 -11.29 8.70
C PRO D 14 -4.80 -10.16 8.09
N LEU D 15 -4.11 -9.08 7.80
CA LEU D 15 -4.70 -7.86 7.28
C LEU D 15 -4.45 -7.73 5.81
N PHE D 16 -5.44 -7.19 5.10
CA PHE D 16 -5.37 -7.01 3.63
C PHE D 16 -5.85 -5.57 3.40
N LYS D 17 -5.05 -4.76 2.72
CA LYS D 17 -5.38 -3.39 2.44
C LYS D 17 -5.61 -3.25 0.94
N PHE D 18 -6.60 -2.42 0.60
CA PHE D 18 -7.05 -2.24 -0.76
C PHE D 18 -7.38 -0.78 -1.05
N ALA D 19 -7.33 -0.44 -2.32
CA ALA D 19 -7.88 0.81 -2.84
C ALA D 19 -8.78 0.40 -3.99
N ILE D 20 -10.05 0.85 -3.99
CA ILE D 20 -11.03 0.59 -5.01
C ILE D 20 -11.18 1.86 -5.85
N ASP D 21 -11.04 1.71 -7.16
CA ASP D 21 -11.15 2.76 -8.12
C ASP D 21 -12.50 2.59 -8.83
N VAL D 22 -13.45 3.44 -8.45
CA VAL D 22 -14.81 3.41 -9.02
C VAL D 22 -14.93 4.51 -10.07
N GLN D 23 -15.36 4.13 -11.27
CA GLN D 23 -15.52 5.08 -12.39
C GLN D 23 -16.83 4.88 -13.07
N TYR D 24 -17.37 5.96 -13.64
CA TYR D 24 -18.48 5.82 -14.57
C TYR D 24 -18.05 5.04 -15.78
N ARG D 25 -18.92 4.18 -16.27
CA ARG D 25 -18.65 3.44 -17.48
C ARG D 25 -18.49 4.38 -18.67
N SER D 26 -17.92 3.85 -19.74
CA SER D 26 -17.61 4.64 -20.92
C SER D 26 -18.85 5.20 -21.65
N ASN D 27 -20.02 4.62 -21.40
CA ASN D 27 -21.27 5.10 -21.99
C ASN D 27 -22.04 6.05 -21.11
N VAL D 28 -21.38 6.54 -20.06
CA VAL D 28 -21.93 7.54 -19.18
C VAL D 28 -21.04 8.76 -19.34
N ARG D 29 -21.62 9.86 -19.77
CA ARG D 29 -20.90 11.12 -19.79
C ARG D 29 -20.68 11.64 -18.37
N ASP D 30 -19.63 12.43 -18.22
CA ASP D 30 -19.19 12.90 -16.92
C ASP D 30 -19.02 14.40 -17.09
N PRO D 31 -20.09 15.15 -16.94
CA PRO D 31 -20.02 16.61 -17.14
C PRO D 31 -19.13 17.35 -16.14
N ARG D 32 -19.06 16.85 -14.92
CA ARG D 32 -18.15 17.43 -13.94
C ARG D 32 -16.69 17.27 -14.37
N GLY D 33 -16.36 16.09 -14.89
CA GLY D 33 -15.04 15.79 -15.45
C GLY D 33 -14.76 16.69 -16.62
N GLU D 34 -15.75 16.89 -17.47
CA GLU D 34 -15.61 17.77 -18.64
C GLU D 34 -15.33 19.20 -18.28
N THR D 35 -15.99 19.70 -17.25
CA THR D 35 -15.81 21.06 -16.77
C THR D 35 -14.41 21.26 -16.24
N ILE D 36 -13.98 20.33 -15.39
CA ILE D 36 -12.61 20.32 -14.88
C ILE D 36 -11.63 20.33 -16.03
N GLU D 37 -11.88 19.51 -17.03
CA GLU D 37 -10.94 19.41 -18.13
C GLU D 37 -10.83 20.72 -18.89
N ARG D 38 -11.98 21.37 -19.10
CA ARG D 38 -12.02 22.66 -19.81
C ARG D 38 -11.17 23.70 -19.10
N VAL D 39 -11.25 23.72 -17.77
CA VAL D 39 -10.43 24.58 -16.93
C VAL D 39 -8.94 24.31 -17.15
N LEU D 40 -8.53 23.05 -17.01
CA LEU D 40 -7.14 22.70 -17.22
C LEU D 40 -6.62 23.07 -18.62
N ARG D 41 -7.43 22.87 -19.64
CA ARG D 41 -7.00 23.10 -21.01
C ARG D 41 -7.03 24.59 -21.31
N GLU D 42 -8.12 25.25 -20.97
CA GLU D 42 -8.34 26.63 -21.44
C GLU D 42 -7.73 27.64 -20.53
N GLU D 43 -7.88 27.41 -19.24
CA GLU D 43 -7.31 28.28 -18.25
C GLU D 43 -5.91 27.96 -17.87
N LYS D 44 -5.54 26.68 -17.71
CA LYS D 44 -4.13 26.37 -17.35
C LYS D 44 -3.22 25.98 -18.53
N GLY D 45 -3.74 25.91 -19.73
CA GLY D 45 -2.92 25.55 -20.91
C GLY D 45 -2.34 24.14 -20.92
N LEU D 46 -2.98 23.18 -20.25
CA LEU D 46 -2.42 21.83 -20.15
C LEU D 46 -3.07 20.89 -21.16
N PRO D 47 -2.28 20.15 -21.92
CA PRO D 47 -2.85 19.24 -22.91
C PRO D 47 -3.43 17.97 -22.33
N VAL D 48 -4.51 18.12 -21.56
CA VAL D 48 -5.18 16.93 -20.93
C VAL D 48 -6.48 16.63 -21.64
N LYS D 49 -6.81 15.33 -21.71
CA LYS D 49 -8.01 14.79 -22.39
C LYS D 49 -8.65 13.66 -21.60
N LYS D 50 -9.91 13.38 -21.95
CA LYS D 50 -10.69 12.32 -21.37
C LYS D 50 -10.59 12.30 -19.86
N LEU D 51 -10.71 13.46 -19.24
CA LEU D 51 -10.68 13.54 -17.77
C LEU D 51 -11.97 13.01 -17.13
N ARG D 52 -11.80 12.07 -16.21
CA ARG D 52 -12.94 11.44 -15.57
C ARG D 52 -12.78 11.50 -14.09
N LEU D 53 -13.83 11.91 -13.40
CA LEU D 53 -13.79 12.08 -11.98
C LEU D 53 -14.60 10.92 -11.35
N GLY D 54 -13.88 10.05 -10.68
CA GLY D 54 -14.46 8.93 -9.96
C GLY D 54 -14.02 8.94 -8.53
N LYS D 55 -14.18 7.81 -7.85
CA LYS D 55 -14.02 7.70 -6.40
C LYS D 55 -12.92 6.70 -6.08
N SER D 56 -12.18 6.99 -5.03
CA SER D 56 -11.09 6.11 -4.57
C SER D 56 -11.44 5.78 -3.17
N ILE D 57 -11.83 4.53 -2.93
CA ILE D 57 -12.11 4.08 -1.57
C ILE D 57 -10.96 3.20 -1.07
N HIS D 58 -10.29 3.67 -0.03
CA HIS D 58 -9.28 2.89 0.68
C HIS D 58 -9.94 2.22 1.86
N LEU D 59 -9.67 0.95 2.06
CA LEU D 59 -10.20 0.23 3.21
C LEU D 59 -9.30 -0.99 3.48
N GLU D 60 -9.41 -1.57 4.65
CA GLU D 60 -8.69 -2.79 4.94
C GLU D 60 -9.62 -3.72 5.63
N VAL D 61 -9.26 -4.98 5.59
CA VAL D 61 -10.05 -6.00 6.23
C VAL D 61 -9.15 -7.11 6.76
N GLU D 62 -9.56 -7.69 7.90
CA GLU D 62 -8.90 -8.87 8.45
C GLU D 62 -9.68 -10.07 7.89
N ALA D 63 -8.99 -11.05 7.32
CA ALA D 63 -9.70 -12.18 6.79
C ALA D 63 -8.81 -13.38 6.87
N GLU D 64 -9.41 -14.56 6.71
CA GLU D 64 -8.70 -15.83 6.79
C GLU D 64 -7.67 -16.07 5.65
N ASN D 65 -7.85 -15.43 4.53
CA ASN D 65 -6.88 -15.56 3.44
C ASN D 65 -7.19 -14.51 2.42
N LYS D 66 -6.34 -14.40 1.40
CA LYS D 66 -6.46 -13.35 0.41
C LYS D 66 -7.74 -13.47 -0.36
N GLU D 67 -8.14 -14.69 -0.70
CA GLU D 67 -9.36 -14.87 -1.50
C GLU D 67 -10.64 -14.43 -0.78
N LYS D 68 -10.72 -14.75 0.49
CA LYS D 68 -11.77 -14.26 1.36
C LYS D 68 -11.78 -12.72 1.48
N ALA D 69 -10.60 -12.11 1.61
CA ALA D 69 -10.49 -10.67 1.60
C ALA D 69 -11.10 -10.04 0.33
N TYR D 70 -10.73 -10.57 -0.83
CA TYR D 70 -11.33 -10.11 -2.10
C TYR D 70 -12.83 -10.29 -2.16
N GLU D 71 -13.34 -11.42 -1.67
CA GLU D 71 -14.81 -11.62 -1.62
C GLU D 71 -15.49 -10.52 -0.81
N ILE D 72 -14.88 -10.14 0.30
CA ILE D 72 -15.40 -9.04 1.12
C ILE D 72 -15.40 -7.70 0.36
N VAL D 73 -14.30 -7.41 -0.33
CA VAL D 73 -14.21 -6.26 -1.22
C VAL D 73 -15.27 -6.21 -2.32
N LYS D 74 -15.46 -7.32 -3.01
CA LYS D 74 -16.46 -7.46 -4.06
C LYS D 74 -17.85 -7.34 -3.51
N LYS D 75 -18.09 -7.90 -2.34
CA LYS D 75 -19.41 -7.77 -1.70
C LYS D 75 -19.71 -6.33 -1.33
N ALA D 76 -18.72 -5.62 -0.78
CA ALA D 76 -18.91 -4.20 -0.47
C ALA D 76 -19.26 -3.37 -1.70
N CYS D 77 -18.65 -3.73 -2.83
CA CYS D 77 -18.96 -3.08 -4.11
C CYS D 77 -20.37 -3.39 -4.59
N GLU D 78 -20.71 -4.68 -4.54
CA GLU D 78 -21.98 -5.18 -5.01
C GLU D 78 -23.11 -4.71 -4.16
N GLU D 79 -22.87 -4.61 -2.87
CA GLU D 79 -23.92 -4.21 -1.93
C GLU D 79 -24.05 -2.70 -1.68
N LEU D 80 -23.01 -1.91 -1.97
CA LEU D 80 -23.06 -0.50 -1.66
C LEU D 80 -22.24 0.43 -2.54
N LEU D 81 -20.97 0.13 -2.75
CA LEU D 81 -20.03 1.09 -3.31
C LEU D 81 -20.14 1.37 -4.81
N VAL D 82 -20.58 0.40 -5.61
CA VAL D 82 -20.60 0.53 -7.06
C VAL D 82 -21.98 0.25 -7.64
N ASN D 83 -22.41 1.17 -8.51
CA ASN D 83 -23.69 1.08 -9.15
C ASN D 83 -23.45 0.29 -10.40
N PRO D 84 -23.97 -0.93 -10.53
CA PRO D 84 -23.50 -1.81 -11.60
C PRO D 84 -23.91 -1.37 -13.03
N VAL D 85 -24.96 -0.58 -13.13
CA VAL D 85 -25.43 -0.13 -14.43
C VAL D 85 -24.56 1.02 -14.96
N VAL D 86 -24.17 1.94 -14.10
CA VAL D 86 -23.42 3.14 -14.52
C VAL D 86 -21.92 3.17 -14.16
N GLU D 87 -21.44 2.24 -13.32
CA GLU D 87 -20.10 2.29 -12.78
C GLU D 87 -19.45 0.94 -12.97
N GLU D 88 -18.12 0.98 -13.00
CA GLU D 88 -17.28 -0.17 -12.98
C GLU D 88 -16.18 0.14 -11.99
N TYR D 89 -15.51 -0.90 -11.56
CA TYR D 89 -14.42 -0.72 -10.58
C TYR D 89 -13.21 -1.60 -10.84
N GLU D 90 -12.08 -1.12 -10.32
CA GLU D 90 -10.84 -1.85 -10.26
C GLU D 90 -10.34 -1.82 -8.82
N VAL D 91 -9.57 -2.84 -8.45
CA VAL D 91 -9.09 -2.98 -7.11
C VAL D 91 -7.57 -3.17 -7.15
N ARG D 92 -6.88 -2.50 -6.24
CA ARG D 92 -5.46 -2.71 -6.13
C ARG D 92 -5.12 -2.96 -4.69
N GLU D 93 -4.00 -3.62 -4.47
CA GLU D 93 -3.55 -3.96 -3.12
C GLU D 93 -2.59 -2.91 -2.63
N LEU D 94 -2.68 -2.60 -1.33
CA LEU D 94 -1.84 -1.61 -0.73
C LEU D 94 -0.97 -2.27 0.35
#